data_5R53
#
_entry.id   5R53
#
_cell.length_a   49.630
_cell.length_b   52.400
_cell.length_c   101.850
_cell.angle_alpha   90.000
_cell.angle_beta   90.000
_cell.angle_gamma   90.000
#
_symmetry.space_group_name_H-M   'P 21 21 21'
#
loop_
_entity.id
_entity.type
_entity.pdbx_description
1 polymer 'Uridine diphosphate glucose pyrophosphatase NUDT22'
2 non-polymer ~{N}-[(3~{R})-2-oxidanylideneazepan-3-yl]furan-2-carboxamide
3 non-polymer 'DIMETHYL SULFOXIDE'
4 water water
#
_entity_poly.entity_id   1
_entity_poly.type   'polypeptide(L)'
_entity_poly.pdbx_seq_one_letter_code
;SMDPEVTLLLQCPGGGLPQEQIQAELSPAHDRRPLPGGDEAITAIWETRLKAQPWLFDAPKFRLHSATLAPIGSRGPQLL
LRLGLTSYRDFLGTNWSSSAAWLRQQGATDWGDTQAYLADPLGVGAALATADDFLVFLRRSRQVAEAPGLVDVPGGHPEP
QALCPGGSPQHQDLAGQLVVHELFSSVLQEICDEVNLPLLTLSQPLLLGIARNETSAGRASAEFYVQCSLTSEQVRKHYL
SGGPEAHESTGIFFVETQNVRRLPETEMWAELCPSAKGAIILYNRVQGSPTGAALGSPALLPPL
;
_entity_poly.pdbx_strand_id   A
#
loop_
_chem_comp.id
_chem_comp.type
_chem_comp.name
_chem_comp.formula
DMS non-polymer 'DIMETHYL SULFOXIDE' 'C2 H6 O S'
RYG non-polymer ~{N}-[(3~{R})-2-oxidanylideneazepan-3-yl]furan-2-carboxamide 'C11 H14 N2 O3'
#
# COMPACT_ATOMS: atom_id res chain seq x y z
N ASP A 3 -11.14 -13.01 -5.09
N ASP A 3 -10.11 -13.66 -4.86
CA ASP A 3 -10.67 -11.61 -5.25
CA ASP A 3 -10.47 -12.27 -5.24
C ASP A 3 -9.59 -11.55 -6.33
C ASP A 3 -9.53 -11.76 -6.32
N PRO A 4 -9.97 -11.70 -7.60
CA PRO A 4 -9.02 -11.56 -8.68
C PRO A 4 -8.35 -10.18 -8.76
N GLU A 5 -8.87 -9.13 -8.11
CA GLU A 5 -8.23 -7.81 -8.30
C GLU A 5 -7.09 -7.62 -7.29
N VAL A 6 -6.81 -8.57 -6.38
CA VAL A 6 -5.61 -8.46 -5.48
C VAL A 6 -4.82 -9.78 -5.42
N THR A 7 -3.50 -9.70 -5.60
CA THR A 7 -2.54 -10.84 -5.48
C THR A 7 -1.54 -10.51 -4.37
N LEU A 8 -1.20 -11.47 -3.51
CA LEU A 8 -0.13 -11.28 -2.48
C LEU A 8 1.21 -11.52 -3.14
N LEU A 9 2.14 -10.58 -3.05
CA LEU A 9 3.53 -10.82 -3.50
C LEU A 9 4.41 -11.27 -2.33
N LEU A 10 4.12 -10.84 -1.12
CA LEU A 10 4.95 -11.13 0.08
C LEU A 10 4.04 -11.24 1.30
N GLN A 11 4.20 -12.29 2.13
CA GLN A 11 3.61 -12.41 3.50
C GLN A 11 4.78 -12.45 4.48
N CYS A 12 4.92 -11.50 5.37
CA CYS A 12 6.07 -11.43 6.31
C CYS A 12 5.90 -12.43 7.44
N PRO A 13 7.04 -12.95 7.95
CA PRO A 13 7.07 -13.85 9.10
C PRO A 13 7.09 -13.10 10.43
N GLY A 14 6.94 -13.83 11.52
CA GLY A 14 7.15 -13.30 12.87
C GLY A 14 6.11 -12.31 13.33
N GLY A 15 4.94 -12.25 12.68
CA GLY A 15 3.90 -11.27 12.99
C GLY A 15 4.19 -9.92 12.33
N GLY A 16 5.20 -9.82 11.49
CA GLY A 16 5.54 -8.58 10.76
C GLY A 16 6.96 -8.14 11.02
N LEU A 17 7.62 -7.52 10.04
CA LEU A 17 9.05 -7.10 10.22
C LEU A 17 9.21 -5.64 10.62
N PRO A 18 10.08 -5.37 11.61
CA PRO A 18 10.44 -3.99 11.94
C PRO A 18 11.48 -3.45 10.95
N GLN A 19 11.63 -2.12 10.96
CA GLN A 19 12.54 -1.37 10.06
C GLN A 19 13.97 -1.95 10.06
N GLU A 20 14.49 -2.31 11.23
CA GLU A 20 15.93 -2.72 11.38
C GLU A 20 16.19 -4.07 10.72
N GLN A 21 15.16 -4.82 10.30
CA GLN A 21 15.32 -6.15 9.67
C GLN A 21 15.22 -6.09 8.14
N ILE A 22 15.12 -4.89 7.54
CA ILE A 22 14.87 -4.77 6.08
C ILE A 22 16.03 -3.99 5.44
N GLN A 23 16.48 -4.52 4.33
CA GLN A 23 17.50 -3.93 3.43
C GLN A 23 16.82 -3.45 2.14
N ALA A 24 17.26 -2.35 1.57
CA ALA A 24 16.84 -1.92 0.20
C ALA A 24 18.07 -1.84 -0.72
N GLU A 25 17.88 -2.18 -1.97
CA GLU A 25 18.84 -1.98 -3.07
C GLU A 25 18.11 -1.05 -4.06
N LEU A 26 18.50 0.24 -4.10
CA LEU A 26 17.94 1.24 -5.06
C LEU A 26 18.92 1.36 -6.21
N SER A 27 18.54 0.93 -7.41
CA SER A 27 19.45 0.72 -8.58
C SER A 27 18.73 1.03 -9.88
N PRO A 28 19.37 1.69 -10.88
CA PRO A 28 18.73 1.92 -12.18
C PRO A 28 18.48 0.60 -12.92
N ALA A 29 19.07 -0.54 -12.49
CA ALA A 29 18.75 -1.88 -13.03
C ALA A 29 17.30 -2.30 -12.71
N HIS A 30 16.68 -1.62 -11.75
CA HIS A 30 15.33 -1.95 -11.23
C HIS A 30 14.29 -0.98 -11.82
N ASP A 31 14.69 -0.13 -12.76
CA ASP A 31 13.79 0.83 -13.46
C ASP A 31 12.92 0.11 -14.48
N ARG A 32 11.84 0.78 -14.88
CA ARG A 32 11.05 0.42 -16.09
C ARG A 32 11.99 0.42 -17.32
N ARG A 33 11.71 -0.50 -18.23
CA ARG A 33 12.36 -0.53 -19.57
C ARG A 33 11.70 0.51 -20.48
N PRO A 34 12.49 1.19 -21.35
CA PRO A 34 11.90 2.07 -22.35
C PRO A 34 10.84 1.33 -23.20
N LEU A 35 9.72 1.97 -23.56
CA LEU A 35 8.63 1.32 -24.33
C LEU A 35 9.11 0.90 -25.73
N PRO A 36 8.57 -0.19 -26.30
CA PRO A 36 9.05 -0.67 -27.62
C PRO A 36 9.21 0.38 -28.75
N GLY A 37 8.20 1.22 -28.91
CA GLY A 37 8.16 2.29 -29.92
C GLY A 37 8.64 3.62 -29.38
N GLY A 38 9.16 3.62 -28.16
CA GLY A 38 9.77 4.81 -27.53
C GLY A 38 8.85 5.43 -26.49
N ASP A 39 9.48 6.13 -25.55
CA ASP A 39 8.75 6.81 -24.43
C ASP A 39 8.02 8.07 -24.92
N GLU A 40 8.12 8.45 -26.20
CA GLU A 40 7.25 9.52 -26.76
C GLU A 40 5.76 9.27 -26.53
N ALA A 41 5.29 8.04 -26.41
CA ALA A 41 3.86 7.76 -26.16
C ALA A 41 3.49 8.30 -24.78
N ILE A 42 4.38 8.25 -23.82
CA ILE A 42 4.14 8.74 -22.42
C ILE A 42 4.08 10.27 -22.43
N THR A 43 5.01 10.89 -23.12
CA THR A 43 5.08 12.35 -23.30
C THR A 43 3.81 12.86 -23.97
N ALA A 44 3.28 12.17 -24.98
CA ALA A 44 2.04 12.62 -25.67
C ALA A 44 0.85 12.60 -24.68
N ILE A 45 0.65 11.51 -23.91
CA ILE A 45 -0.48 11.42 -22.93
C ILE A 45 -0.34 12.58 -21.92
N TRP A 46 0.87 12.87 -21.46
CA TRP A 46 1.13 13.91 -20.44
C TRP A 46 0.79 15.30 -21.00
N GLU A 47 1.24 15.58 -22.21
CA GLU A 47 0.94 16.87 -22.89
C GLU A 47 -0.56 17.06 -23.04
N THR A 48 -1.34 16.05 -23.45
CA THR A 48 -2.80 16.12 -23.59
C THR A 48 -3.45 16.44 -22.23
N ARG A 49 -2.98 15.80 -21.17
CA ARG A 49 -3.50 16.00 -19.80
C ARG A 49 -3.18 17.45 -19.36
N LEU A 50 -1.94 17.92 -19.49
CA LEU A 50 -1.55 19.29 -19.02
C LEU A 50 -2.28 20.38 -19.80
N LYS A 51 -2.63 20.14 -21.07
CA LYS A 51 -3.38 21.12 -21.89
C LYS A 51 -4.86 21.21 -21.47
N ALA A 52 -5.37 20.26 -20.69
CA ALA A 52 -6.71 20.33 -20.07
C ALA A 52 -6.62 20.79 -18.59
N GLN A 53 -5.57 20.40 -17.86
CA GLN A 53 -5.44 20.62 -16.40
C GLN A 53 -4.04 21.17 -16.18
N PRO A 54 -3.76 22.45 -16.53
CA PRO A 54 -2.38 22.94 -16.46
C PRO A 54 -1.77 23.11 -15.06
N TRP A 55 -2.62 23.04 -14.02
CA TRP A 55 -2.19 23.03 -12.59
C TRP A 55 -1.65 21.67 -12.11
N LEU A 56 -1.66 20.63 -12.93
CA LEU A 56 -1.06 19.34 -12.50
C LEU A 56 0.48 19.44 -12.49
N PHE A 57 1.12 18.65 -11.63
CA PHE A 57 2.59 18.57 -11.56
C PHE A 57 3.01 17.11 -11.46
N ASP A 58 4.18 16.84 -12.00
CA ASP A 58 4.85 15.52 -11.89
C ASP A 58 5.48 15.41 -10.48
N ALA A 59 5.79 14.19 -10.08
CA ALA A 59 6.51 13.89 -8.82
C ALA A 59 7.22 12.56 -8.97
N PRO A 60 8.45 12.45 -8.45
CA PRO A 60 9.16 11.17 -8.43
C PRO A 60 8.47 10.20 -7.46
N LYS A 61 8.64 8.90 -7.76
CA LYS A 61 8.06 7.78 -6.97
C LYS A 61 9.07 6.63 -6.92
N PHE A 62 9.02 5.80 -5.87
CA PHE A 62 9.80 4.53 -5.87
C PHE A 62 9.06 3.52 -6.78
N ARG A 63 9.86 2.73 -7.49
CA ARG A 63 9.34 1.58 -8.31
C ARG A 63 9.67 0.27 -7.57
N LEU A 64 8.69 -0.62 -7.37
CA LEU A 64 8.99 -2.00 -6.89
C LEU A 64 9.42 -2.90 -8.05
N HIS A 65 10.65 -3.43 -8.01
CA HIS A 65 11.07 -4.54 -8.92
C HIS A 65 10.73 -5.93 -8.33
N SER A 66 11.09 -6.18 -7.07
CA SER A 66 10.94 -7.51 -6.44
C SER A 66 11.30 -7.41 -4.96
N ALA A 67 10.91 -8.42 -4.17
CA ALA A 67 11.16 -8.46 -2.71
C ALA A 67 11.49 -9.89 -2.33
N THR A 68 12.73 -10.16 -1.84
CA THR A 68 13.16 -11.54 -1.49
C THR A 68 13.28 -11.71 0.02
N LEU A 69 12.51 -12.67 0.59
CA LEU A 69 12.56 -13.01 2.04
C LEU A 69 13.69 -14.01 2.27
N ALA A 70 14.42 -13.82 3.38
CA ALA A 70 15.41 -14.76 3.92
C ALA A 70 14.72 -16.10 4.25
N PRO A 71 15.52 -17.18 4.34
CA PRO A 71 15.00 -18.44 4.90
C PRO A 71 14.39 -18.20 6.30
N ILE A 72 13.20 -18.73 6.58
CA ILE A 72 12.50 -18.42 7.88
C ILE A 72 13.34 -18.94 9.06
N GLY A 73 13.30 -18.18 10.14
CA GLY A 73 13.99 -18.48 11.40
C GLY A 73 15.45 -18.10 11.45
N SER A 74 15.98 -17.46 10.40
CA SER A 74 17.40 -17.08 10.25
C SER A 74 17.69 -15.81 11.09
N ARG A 75 18.98 -15.61 11.36
CA ARG A 75 19.51 -14.39 12.03
C ARG A 75 19.80 -13.38 10.93
N GLY A 76 19.96 -12.13 11.28
CA GLY A 76 20.42 -11.13 10.32
C GLY A 76 19.26 -10.59 9.49
N PRO A 77 19.53 -9.75 8.48
CA PRO A 77 18.46 -9.11 7.71
C PRO A 77 17.48 -10.13 7.10
N GLN A 78 16.20 -9.80 7.19
CA GLN A 78 15.14 -10.78 6.80
C GLN A 78 14.52 -10.50 5.42
N LEU A 79 14.65 -9.29 4.88
CA LEU A 79 14.02 -8.96 3.58
C LEU A 79 14.97 -8.08 2.80
N LEU A 80 15.04 -8.31 1.49
CA LEU A 80 15.70 -7.41 0.51
C LEU A 80 14.64 -6.86 -0.47
N LEU A 81 14.45 -5.56 -0.45
CA LEU A 81 13.56 -4.80 -1.40
C LEU A 81 14.44 -4.31 -2.54
N ARG A 82 14.18 -4.73 -3.77
CA ARG A 82 14.82 -4.20 -4.99
C ARG A 82 13.93 -3.10 -5.55
N LEU A 83 14.45 -1.86 -5.51
CA LEU A 83 13.67 -0.66 -5.89
C LEU A 83 14.40 0.07 -7.03
N GLY A 84 13.62 0.68 -7.91
CA GLY A 84 14.07 1.66 -8.90
C GLY A 84 13.35 2.97 -8.71
N LEU A 85 13.43 3.87 -9.69
CA LEU A 85 12.69 5.16 -9.62
C LEU A 85 11.71 5.23 -10.79
N THR A 86 10.60 5.87 -10.55
CA THR A 86 9.56 6.17 -11.58
C THR A 86 8.94 7.53 -11.27
N SER A 87 7.77 7.82 -11.80
CA SER A 87 7.11 9.13 -11.64
C SER A 87 5.62 9.02 -11.84
N TYR A 88 4.90 10.04 -11.37
CA TYR A 88 3.45 10.22 -11.63
C TYR A 88 3.18 10.20 -13.15
N ARG A 89 3.95 10.96 -13.92
CA ARG A 89 3.80 11.01 -15.42
C ARG A 89 3.95 9.62 -16.04
N ASP A 90 4.96 8.87 -15.60
CA ASP A 90 5.16 7.51 -16.17
C ASP A 90 4.00 6.56 -15.79
N PHE A 91 3.48 6.68 -14.57
CA PHE A 91 2.25 5.94 -14.14
C PHE A 91 1.09 6.23 -15.10
N LEU A 92 0.83 7.52 -15.36
CA LEU A 92 -0.34 7.89 -16.21
C LEU A 92 -0.18 7.33 -17.62
N GLY A 93 1.04 7.22 -18.11
CA GLY A 93 1.30 6.75 -19.48
C GLY A 93 1.41 5.22 -19.60
N THR A 94 1.37 4.47 -18.50
CA THR A 94 1.61 3.00 -18.53
C THR A 94 0.49 2.29 -17.77
N ASN A 95 0.58 2.16 -16.44
CA ASN A 95 -0.45 1.45 -15.63
C ASN A 95 -1.87 1.98 -15.91
N TRP A 96 -2.03 3.30 -15.99
CA TRP A 96 -3.35 3.97 -16.10
C TRP A 96 -3.80 3.99 -17.56
N SER A 97 -2.92 3.73 -18.53
CA SER A 97 -3.26 3.75 -20.00
C SER A 97 -4.29 2.65 -20.34
N SER A 98 -5.14 2.97 -21.33
CA SER A 98 -6.14 2.00 -21.85
C SER A 98 -5.43 0.76 -22.41
N SER A 99 -4.17 0.90 -22.81
N SER A 99 -4.17 0.86 -22.84
CA SER A 99 -3.33 -0.15 -23.45
CA SER A 99 -3.43 -0.27 -23.45
C SER A 99 -2.49 -0.92 -22.41
C SER A 99 -2.51 -0.95 -22.42
N ALA A 100 -2.72 -0.73 -21.11
CA ALA A 100 -1.83 -1.33 -20.08
C ALA A 100 -1.75 -2.88 -20.28
N ALA A 101 -2.85 -3.58 -20.63
CA ALA A 101 -2.79 -5.05 -20.79
C ALA A 101 -1.85 -5.39 -21.97
N TRP A 102 -1.84 -4.58 -23.04
CA TRP A 102 -0.96 -4.82 -24.22
C TRP A 102 0.50 -4.69 -23.77
N LEU A 103 0.79 -3.70 -22.93
CA LEU A 103 2.16 -3.50 -22.37
C LEU A 103 2.56 -4.70 -21.50
N ARG A 104 1.64 -5.28 -20.72
CA ARG A 104 1.97 -6.49 -19.92
C ARG A 104 2.31 -7.70 -20.83
N GLN A 105 1.55 -7.91 -21.91
CA GLN A 105 1.81 -9.03 -22.89
C GLN A 105 3.18 -8.80 -23.57
N GLN A 106 3.48 -7.55 -23.96
N GLN A 106 3.50 -7.55 -23.96
CA GLN A 106 4.74 -7.19 -24.65
CA GLN A 106 4.76 -7.24 -24.67
C GLN A 106 5.94 -7.45 -23.71
C GLN A 106 5.95 -7.45 -23.72
N GLY A 107 5.79 -7.13 -22.43
CA GLY A 107 6.87 -7.36 -21.44
C GLY A 107 7.11 -8.85 -21.25
N ALA A 108 6.05 -9.67 -21.15
CA ALA A 108 6.19 -11.15 -21.13
C ALA A 108 6.98 -11.61 -22.37
N THR A 109 6.60 -11.17 -23.56
CA THR A 109 7.28 -11.55 -24.84
C THR A 109 8.75 -11.16 -24.82
N ASP A 110 9.08 -9.89 -24.59
CA ASP A 110 10.41 -9.28 -24.82
C ASP A 110 11.36 -9.60 -23.67
N TRP A 111 10.91 -9.67 -22.41
CA TRP A 111 11.75 -9.62 -21.20
C TRP A 111 11.45 -10.80 -20.24
N GLY A 112 10.44 -11.61 -20.57
CA GLY A 112 9.89 -12.61 -19.63
C GLY A 112 9.45 -11.98 -18.31
N ASP A 113 8.82 -10.81 -18.37
CA ASP A 113 8.45 -10.01 -17.18
C ASP A 113 7.22 -9.17 -17.55
N THR A 114 6.06 -9.55 -17.03
CA THR A 114 4.79 -8.84 -17.35
C THR A 114 4.87 -7.35 -16.93
N GLN A 115 5.74 -7.02 -15.97
CA GLN A 115 5.80 -5.61 -15.46
C GLN A 115 6.92 -4.77 -16.14
N ALA A 116 7.70 -5.32 -17.09
CA ALA A 116 8.93 -4.66 -17.60
C ALA A 116 8.65 -3.25 -18.14
N TYR A 117 7.49 -3.03 -18.76
CA TYR A 117 7.13 -1.75 -19.43
C TYR A 117 6.20 -0.90 -18.56
N LEU A 118 5.98 -1.28 -17.29
CA LEU A 118 5.04 -0.59 -16.36
C LEU A 118 5.80 0.23 -15.32
N ALA A 119 5.30 1.44 -15.05
CA ALA A 119 5.88 2.32 -14.01
C ALA A 119 5.88 1.63 -12.63
N ASP A 120 4.79 1.04 -12.22
CA ASP A 120 4.67 0.27 -10.94
C ASP A 120 5.17 1.07 -9.73
N PRO A 121 4.62 2.30 -9.53
CA PRO A 121 4.97 3.06 -8.31
C PRO A 121 4.56 2.29 -7.04
N LEU A 122 5.44 2.36 -6.02
CA LEU A 122 5.15 1.65 -4.72
C LEU A 122 4.26 2.49 -3.81
N GLY A 123 3.11 1.96 -3.43
CA GLY A 123 2.24 2.53 -2.39
C GLY A 123 2.56 2.05 -1.00
N VAL A 124 2.08 2.78 0.00
CA VAL A 124 2.07 2.30 1.42
C VAL A 124 0.62 2.38 1.95
N GLY A 125 0.21 1.40 2.76
CA GLY A 125 -1.09 1.41 3.46
C GLY A 125 -0.94 0.91 4.87
N ALA A 126 -1.88 1.22 5.75
CA ALA A 126 -1.84 0.75 7.14
C ALA A 126 -3.16 0.08 7.57
N ALA A 127 -3.04 -1.07 8.25
CA ALA A 127 -4.03 -1.58 9.20
C ALA A 127 -3.73 -0.82 10.49
N LEU A 128 -4.57 0.18 10.79
CA LEU A 128 -4.36 1.09 11.95
C LEU A 128 -5.33 0.66 13.06
N ALA A 129 -4.84 0.20 14.21
CA ALA A 129 -5.66 -0.34 15.32
C ALA A 129 -5.77 0.72 16.42
N THR A 130 -6.94 0.86 17.04
CA THR A 130 -7.17 1.75 18.18
C THR A 130 -6.91 1.03 19.52
N ALA A 131 -6.91 1.80 20.60
CA ALA A 131 -6.67 1.24 21.95
C ALA A 131 -7.83 0.35 22.38
N ASP A 132 -9.04 0.58 21.87
CA ASP A 132 -10.27 -0.24 22.14
C ASP A 132 -10.56 -1.29 21.05
N ASP A 133 -9.51 -1.67 20.30
N ASP A 133 -9.56 -1.60 20.23
CA ASP A 133 -9.46 -2.82 19.35
CA ASP A 133 -9.55 -2.84 19.41
C ASP A 133 -10.50 -2.62 18.23
C ASP A 133 -10.42 -2.68 18.16
N PHE A 134 -10.32 -1.55 17.46
CA PHE A 134 -10.97 -1.37 16.14
C PHE A 134 -9.89 -1.06 15.08
N LEU A 135 -10.13 -1.45 13.83
CA LEU A 135 -9.37 -0.91 12.67
C LEU A 135 -10.10 0.31 12.09
N VAL A 136 -9.30 1.23 11.51
CA VAL A 136 -9.73 2.54 10.93
C VAL A 136 -9.95 2.43 9.42
N PHE A 137 -11.13 2.83 8.93
CA PHE A 137 -11.47 2.91 7.48
C PHE A 137 -11.84 4.35 7.08
N LEU A 138 -11.61 4.68 5.81
CA LEU A 138 -11.88 6.04 5.23
C LEU A 138 -12.74 5.87 3.96
N ARG A 139 -13.71 6.77 3.77
CA ARG A 139 -14.53 6.75 2.52
C ARG A 139 -13.93 7.68 1.47
N ARG A 140 -13.72 7.18 0.25
CA ARG A 140 -13.21 8.00 -0.87
C ARG A 140 -14.32 8.88 -1.45
N SER A 141 -13.97 10.10 -1.86
CA SER A 141 -14.83 11.03 -2.63
C SER A 141 -15.37 10.29 -3.88
N ARG A 142 -16.63 10.53 -4.26
CA ARG A 142 -17.28 9.96 -5.47
C ARG A 142 -16.82 10.74 -6.70
N GLN A 143 -16.01 11.81 -6.54
CA GLN A 143 -15.62 12.73 -7.65
C GLN A 143 -14.15 12.50 -8.09
N VAL A 144 -13.37 11.67 -7.41
CA VAL A 144 -11.95 11.42 -7.80
C VAL A 144 -11.90 10.42 -8.96
N ALA A 145 -10.73 10.27 -9.62
CA ALA A 145 -10.55 9.44 -10.83
C ALA A 145 -10.43 7.94 -10.50
N GLU A 146 -9.73 7.62 -9.42
CA GLU A 146 -9.38 6.24 -9.02
C GLU A 146 -10.28 5.77 -7.88
N ALA A 147 -10.94 4.63 -8.08
CA ALA A 147 -11.75 3.96 -7.04
C ALA A 147 -12.73 4.96 -6.41
N PRO A 148 -13.52 5.74 -7.20
CA PRO A 148 -14.46 6.68 -6.62
C PRO A 148 -15.52 6.01 -5.72
N GLY A 149 -15.71 6.63 -4.58
CA GLY A 149 -16.79 6.21 -3.66
C GLY A 149 -16.46 4.97 -2.87
N LEU A 150 -15.26 4.37 -3.02
CA LEU A 150 -14.95 3.07 -2.36
C LEU A 150 -14.32 3.33 -0.97
N VAL A 151 -14.28 2.27 -0.17
CA VAL A 151 -13.66 2.30 1.19
C VAL A 151 -12.14 2.08 1.03
N ASP A 152 -11.34 2.86 1.75
CA ASP A 152 -9.86 2.73 1.78
C ASP A 152 -9.34 2.66 3.23
N VAL A 153 -8.07 2.37 3.40
CA VAL A 153 -7.35 2.50 4.69
C VAL A 153 -6.39 3.68 4.53
N PRO A 154 -5.79 4.22 5.62
CA PRO A 154 -4.79 5.27 5.47
C PRO A 154 -3.59 4.85 4.61
N GLY A 155 -3.07 5.77 3.83
CA GLY A 155 -1.86 5.49 3.04
C GLY A 155 -1.60 6.49 1.94
N GLY A 156 -0.66 6.20 1.06
CA GLY A 156 -0.27 7.15 0.01
C GLY A 156 0.84 6.55 -0.85
N HIS A 157 1.47 7.37 -1.69
CA HIS A 157 2.59 6.93 -2.58
C HIS A 157 3.80 7.82 -2.29
N PRO A 158 4.77 7.35 -1.47
CA PRO A 158 5.90 8.18 -1.04
C PRO A 158 6.80 8.71 -2.18
N GLU A 159 7.34 9.92 -1.98
CA GLU A 159 8.19 10.65 -2.96
C GLU A 159 9.63 10.62 -2.45
N PRO A 160 10.59 10.00 -3.18
CA PRO A 160 12.00 10.03 -2.81
C PRO A 160 12.63 11.41 -2.47
N GLN A 161 13.49 11.45 -1.43
CA GLN A 161 14.05 12.64 -0.71
C GLN A 161 13.11 13.85 -0.81
N ASP A 173 23.74 -1.38 1.40
CA ASP A 173 22.60 -0.78 2.15
C ASP A 173 22.98 0.66 2.58
N LEU A 174 23.85 1.35 1.83
CA LEU A 174 24.42 2.62 2.37
C LEU A 174 23.67 3.86 1.88
N ALA A 175 22.91 3.80 0.79
CA ALA A 175 21.72 4.69 0.61
C ALA A 175 20.44 3.89 0.93
N GLY A 176 20.54 2.53 0.94
CA GLY A 176 19.51 1.53 1.33
C GLY A 176 18.79 1.86 2.64
N GLN A 177 19.52 2.14 3.71
CA GLN A 177 18.88 2.29 5.07
C GLN A 177 18.08 3.60 5.10
N LEU A 178 18.52 4.62 4.37
CA LEU A 178 17.74 5.89 4.35
C LEU A 178 16.46 5.66 3.55
N VAL A 179 16.48 4.84 2.50
CA VAL A 179 15.26 4.52 1.73
C VAL A 179 14.29 3.74 2.63
N VAL A 180 14.74 2.72 3.37
CA VAL A 180 13.82 1.97 4.28
C VAL A 180 13.25 2.97 5.29
N HIS A 181 14.08 3.85 5.86
CA HIS A 181 13.59 4.87 6.82
C HIS A 181 12.48 5.73 6.19
N GLU A 182 12.63 6.18 4.94
N GLU A 182 12.67 6.14 4.94
CA GLU A 182 11.61 7.03 4.29
CA GLU A 182 11.69 6.99 4.21
C GLU A 182 10.30 6.23 4.11
C GLU A 182 10.35 6.24 4.08
N LEU A 183 10.38 4.93 3.79
CA LEU A 183 9.14 4.12 3.62
C LEU A 183 8.38 4.04 4.96
N PHE A 184 9.06 3.68 6.03
CA PHE A 184 8.41 3.56 7.36
C PHE A 184 7.89 4.94 7.83
N SER A 185 8.69 6.00 7.67
N SER A 185 8.66 6.02 7.66
CA SER A 185 8.31 7.40 8.00
CA SER A 185 8.21 7.36 8.11
C SER A 185 7.03 7.79 7.24
C SER A 185 7.05 7.87 7.23
N SER A 186 6.98 7.47 5.96
CA SER A 186 5.87 7.89 5.05
C SER A 186 4.53 7.34 5.56
N VAL A 187 4.48 6.09 6.06
CA VAL A 187 3.14 5.57 6.46
C VAL A 187 2.66 6.30 7.73
N LEU A 188 3.55 6.65 8.66
CA LEU A 188 3.16 7.50 9.82
C LEU A 188 2.74 8.90 9.35
N GLN A 189 3.54 9.53 8.50
CA GLN A 189 3.20 10.88 8.00
C GLN A 189 1.81 10.87 7.34
N GLU A 190 1.46 9.86 6.54
CA GLU A 190 0.13 9.79 5.83
C GLU A 190 -0.98 9.64 6.88
N ILE A 191 -0.75 8.88 7.97
CA ILE A 191 -1.74 8.79 9.09
C ILE A 191 -1.92 10.18 9.72
N CYS A 192 -0.84 10.88 10.04
CA CYS A 192 -0.91 12.23 10.67
C CYS A 192 -1.60 13.23 9.72
N ASP A 193 -1.31 13.22 8.43
CA ASP A 193 -1.88 14.23 7.49
C ASP A 193 -3.36 13.99 7.25
N GLU A 194 -3.81 12.76 7.10
CA GLU A 194 -5.22 12.45 6.72
C GLU A 194 -6.13 12.21 7.93
N VAL A 195 -5.66 11.52 8.98
CA VAL A 195 -6.49 11.21 10.17
C VAL A 195 -6.34 12.33 11.19
N ASN A 196 -5.31 13.20 11.10
CA ASN A 196 -5.09 14.35 12.02
C ASN A 196 -4.68 13.86 13.44
N LEU A 197 -3.96 12.74 13.53
CA LEU A 197 -3.51 12.19 14.83
C LEU A 197 -2.13 12.73 15.16
N PRO A 198 -1.86 12.97 16.46
CA PRO A 198 -0.51 13.30 16.88
C PRO A 198 0.45 12.13 16.61
N LEU A 199 1.63 12.44 16.10
CA LEU A 199 2.68 11.41 15.84
C LEU A 199 2.98 10.60 17.10
N LEU A 200 2.99 11.21 18.31
CA LEU A 200 3.37 10.51 19.54
C LEU A 200 2.30 9.53 20.02
N THR A 201 1.14 9.48 19.38
CA THR A 201 0.11 8.45 19.71
C THR A 201 0.32 7.19 18.85
N LEU A 202 1.30 7.16 17.93
CA LEU A 202 1.52 5.98 17.00
C LEU A 202 2.75 5.12 17.40
N SER A 203 2.61 3.80 17.25
CA SER A 203 3.71 2.80 17.36
C SER A 203 4.65 2.89 16.15
N GLN A 204 5.88 2.41 16.29
CA GLN A 204 6.71 2.14 15.10
C GLN A 204 5.97 1.10 14.23
N PRO A 205 5.88 1.29 12.90
CA PRO A 205 5.15 0.35 12.02
C PRO A 205 5.83 -1.04 11.98
N LEU A 206 5.07 -2.11 11.73
CA LEU A 206 5.61 -3.40 11.28
C LEU A 206 5.15 -3.67 9.86
N LEU A 207 6.07 -4.10 8.98
CA LEU A 207 5.67 -4.51 7.61
C LEU A 207 4.95 -5.86 7.65
N LEU A 208 3.69 -5.90 7.17
CA LEU A 208 2.93 -7.19 7.12
C LEU A 208 3.20 -7.95 5.83
N GLY A 209 3.41 -7.25 4.70
CA GLY A 209 3.60 -7.87 3.38
C GLY A 209 3.42 -6.86 2.27
N ILE A 210 3.31 -7.36 1.04
CA ILE A 210 3.13 -6.55 -0.18
C ILE A 210 2.01 -7.19 -1.00
N ALA A 211 1.08 -6.35 -1.47
CA ALA A 211 -0.10 -6.75 -2.26
C ALA A 211 -0.09 -6.05 -3.60
N ARG A 212 -0.51 -6.70 -4.68
CA ARG A 212 -0.63 -6.08 -6.02
C ARG A 212 -2.11 -5.85 -6.39
N ASN A 213 -2.38 -4.71 -7.05
CA ASN A 213 -3.68 -4.23 -7.55
C ASN A 213 -3.74 -4.62 -9.03
N GLU A 214 -4.40 -5.72 -9.35
CA GLU A 214 -4.54 -6.20 -10.75
C GLU A 214 -5.51 -5.34 -11.56
N THR A 215 -6.30 -4.47 -10.94
CA THR A 215 -7.14 -3.47 -11.66
C THR A 215 -6.29 -2.27 -12.11
N SER A 216 -5.10 -2.09 -11.56
CA SER A 216 -4.14 -1.04 -11.99
C SER A 216 -2.86 -1.68 -12.55
N ALA A 217 -3.01 -2.78 -13.33
CA ALA A 217 -1.96 -3.43 -14.16
C ALA A 217 -0.85 -3.96 -13.25
N GLY A 218 -1.13 -4.25 -11.98
CA GLY A 218 -0.21 -4.95 -11.10
C GLY A 218 0.66 -4.10 -10.21
N ARG A 219 0.40 -2.79 -10.11
CA ARG A 219 1.20 -1.92 -9.20
C ARG A 219 1.05 -2.47 -7.78
N ALA A 220 2.09 -2.34 -6.96
CA ALA A 220 2.14 -2.95 -5.61
C ALA A 220 2.06 -1.90 -4.50
N SER A 221 1.61 -2.30 -3.32
CA SER A 221 1.63 -1.47 -2.09
C SER A 221 2.19 -2.30 -0.94
N ALA A 222 3.13 -1.74 -0.19
CA ALA A 222 3.60 -2.28 1.11
C ALA A 222 2.55 -2.01 2.19
N GLU A 223 2.08 -3.04 2.90
CA GLU A 223 1.01 -2.95 3.91
C GLU A 223 1.60 -3.14 5.31
N PHE A 224 1.34 -2.17 6.19
CA PHE A 224 1.94 -2.08 7.55
C PHE A 224 0.85 -2.19 8.64
N TYR A 225 1.27 -2.63 9.82
CA TYR A 225 0.42 -2.62 11.03
C TYR A 225 0.93 -1.48 11.93
N VAL A 226 0.04 -0.61 12.37
CA VAL A 226 0.34 0.52 13.27
C VAL A 226 -0.71 0.53 14.40
N GLN A 227 -0.26 0.67 15.64
N GLN A 227 -0.26 0.64 15.64
CA GLN A 227 -1.14 0.74 16.81
CA GLN A 227 -1.16 0.71 16.84
C GLN A 227 -1.22 2.20 17.26
C GLN A 227 -1.22 2.17 17.29
N CYS A 228 -2.41 2.63 17.70
CA CYS A 228 -2.63 3.99 18.24
C CYS A 228 -3.05 3.87 19.71
N SER A 229 -2.55 4.77 20.54
CA SER A 229 -2.87 4.78 21.99
C SER A 229 -4.24 5.42 22.28
N LEU A 230 -4.87 6.05 21.28
CA LEU A 230 -6.22 6.65 21.40
C LEU A 230 -7.32 5.62 21.11
N THR A 231 -8.47 5.80 21.76
CA THR A 231 -9.70 5.05 21.45
C THR A 231 -10.33 5.51 20.12
N SER A 232 -11.21 4.69 19.58
CA SER A 232 -12.01 4.99 18.36
C SER A 232 -12.73 6.35 18.52
N GLU A 233 -13.33 6.62 19.70
CA GLU A 233 -14.00 7.92 19.90
C GLU A 233 -13.00 9.08 19.76
N GLN A 234 -11.81 8.93 20.37
CA GLN A 234 -10.77 9.97 20.34
C GLN A 234 -10.25 10.13 18.89
N VAL A 235 -10.02 9.02 18.14
CA VAL A 235 -9.56 9.13 16.73
C VAL A 235 -10.60 9.88 15.87
N ARG A 236 -11.88 9.56 16.05
CA ARG A 236 -13.00 10.24 15.33
C ARG A 236 -12.98 11.73 15.62
N LYS A 237 -12.86 12.10 16.89
CA LYS A 237 -12.80 13.55 17.26
C LYS A 237 -11.64 14.25 16.53
N HIS A 238 -10.43 13.66 16.50
CA HIS A 238 -9.25 14.29 15.86
C HIS A 238 -9.50 14.46 14.35
N TYR A 239 -9.97 13.41 13.66
CA TYR A 239 -10.28 13.44 12.22
C TYR A 239 -11.27 14.59 11.96
N LEU A 240 -12.38 14.62 12.71
CA LEU A 240 -13.46 15.61 12.39
C LEU A 240 -13.03 17.05 12.71
N SER A 241 -12.18 17.24 13.70
CA SER A 241 -11.82 18.59 14.25
C SER A 241 -10.93 19.34 13.24
N GLY A 242 -10.44 18.66 12.21
CA GLY A 242 -9.73 19.32 11.10
C GLY A 242 -10.69 20.05 10.17
N GLY A 243 -11.94 19.61 10.08
CA GLY A 243 -12.91 20.21 9.14
C GLY A 243 -12.71 19.62 7.74
N PRO A 244 -13.64 19.89 6.80
CA PRO A 244 -13.60 19.24 5.50
C PRO A 244 -12.31 19.42 4.65
N GLU A 245 -11.57 20.52 4.84
CA GLU A 245 -10.31 20.81 4.09
C GLU A 245 -9.11 20.08 4.69
N ALA A 246 -9.23 19.48 5.86
CA ALA A 246 -8.09 18.82 6.53
C ALA A 246 -7.91 17.37 6.03
N HIS A 247 -8.85 16.82 5.24
CA HIS A 247 -8.77 15.43 4.73
C HIS A 247 -9.28 15.33 3.27
N GLU A 248 -8.71 14.40 2.48
CA GLU A 248 -9.13 14.08 1.09
C GLU A 248 -10.35 13.17 1.13
N SER A 249 -10.41 12.25 2.11
CA SER A 249 -11.59 11.37 2.33
C SER A 249 -12.83 12.20 2.75
N THR A 250 -14.01 11.58 2.67
CA THR A 250 -15.29 12.25 3.03
C THR A 250 -15.91 11.72 4.32
N GLY A 251 -15.30 10.71 4.94
CA GLY A 251 -15.79 10.15 6.21
C GLY A 251 -14.77 9.15 6.76
N ILE A 252 -14.93 8.85 8.05
CA ILE A 252 -14.13 7.86 8.83
C ILE A 252 -15.12 6.90 9.48
N PHE A 253 -14.71 5.64 9.64
CA PHE A 253 -15.51 4.68 10.43
C PHE A 253 -14.62 3.55 10.93
N PHE A 254 -15.16 2.72 11.82
CA PHE A 254 -14.36 1.72 12.63
C PHE A 254 -15.03 0.35 12.59
N VAL A 255 -14.23 -0.72 12.46
CA VAL A 255 -14.74 -2.12 12.57
C VAL A 255 -13.97 -2.85 13.68
N GLU A 256 -14.66 -3.52 14.58
CA GLU A 256 -13.98 -4.27 15.67
C GLU A 256 -12.99 -5.25 15.04
N THR A 257 -11.80 -5.42 15.64
CA THR A 257 -10.87 -6.46 15.12
C THR A 257 -11.50 -7.86 15.15
N GLN A 258 -12.39 -8.11 16.12
CA GLN A 258 -13.16 -9.36 16.18
C GLN A 258 -13.82 -9.66 14.82
N ASN A 259 -14.39 -8.65 14.22
CA ASN A 259 -15.26 -8.70 13.00
C ASN A 259 -14.42 -8.60 11.70
N VAL A 260 -13.19 -8.09 11.77
CA VAL A 260 -12.31 -8.04 10.56
C VAL A 260 -11.99 -9.46 10.08
N ARG A 261 -11.91 -10.45 11.01
CA ARG A 261 -11.71 -11.86 10.64
C ARG A 261 -12.66 -12.30 9.51
N ARG A 262 -13.94 -11.92 9.53
CA ARG A 262 -14.91 -12.43 8.52
C ARG A 262 -15.31 -11.33 7.52
N LEU A 263 -14.54 -10.22 7.45
CA LEU A 263 -14.88 -9.12 6.52
C LEU A 263 -15.12 -9.60 5.06
N PRO A 264 -14.34 -10.53 4.49
CA PRO A 264 -14.58 -11.00 3.11
C PRO A 264 -15.96 -11.62 2.86
N GLU A 265 -16.67 -11.97 3.93
CA GLU A 265 -18.03 -12.54 3.83
C GLU A 265 -19.13 -11.48 3.97
N THR A 266 -18.79 -10.22 4.21
CA THR A 266 -19.72 -9.09 4.44
C THR A 266 -20.02 -8.32 3.16
N GLU A 267 -21.09 -7.52 3.14
CA GLU A 267 -21.42 -6.59 2.02
C GLU A 267 -20.37 -5.46 1.94
N MET A 268 -19.57 -5.21 3.01
CA MET A 268 -18.52 -4.16 2.99
C MET A 268 -17.44 -4.57 1.95
N TRP A 269 -17.19 -5.86 1.78
CA TRP A 269 -16.02 -6.36 0.98
C TRP A 269 -16.10 -5.81 -0.45
N ALA A 270 -17.29 -5.79 -1.06
CA ALA A 270 -17.46 -5.32 -2.46
C ALA A 270 -17.20 -3.82 -2.57
N GLU A 271 -17.27 -3.06 -1.48
CA GLU A 271 -17.00 -1.61 -1.44
C GLU A 271 -15.52 -1.29 -1.20
N LEU A 272 -14.68 -2.26 -0.84
CA LEU A 272 -13.25 -1.97 -0.50
C LEU A 272 -12.45 -1.86 -1.81
N CYS A 273 -11.62 -0.83 -1.92
CA CYS A 273 -10.65 -0.75 -3.04
C CYS A 273 -9.57 -1.82 -2.92
N PRO A 274 -8.90 -2.22 -4.02
CA PRO A 274 -7.97 -3.36 -3.99
C PRO A 274 -6.84 -3.27 -2.97
N SER A 275 -6.21 -2.10 -2.79
CA SER A 275 -5.08 -1.96 -1.83
C SER A 275 -5.62 -2.11 -0.40
N ALA A 276 -6.82 -1.62 -0.10
CA ALA A 276 -7.40 -1.86 1.25
C ALA A 276 -7.74 -3.35 1.46
N LYS A 277 -8.23 -4.06 0.44
CA LYS A 277 -8.41 -5.53 0.55
C LYS A 277 -7.06 -6.19 0.88
N GLY A 278 -5.97 -5.75 0.21
CA GLY A 278 -4.64 -6.33 0.51
C GLY A 278 -4.21 -6.13 1.97
N ALA A 279 -4.44 -4.92 2.52
CA ALA A 279 -4.16 -4.60 3.94
C ALA A 279 -4.90 -5.58 4.87
N ILE A 280 -6.18 -5.77 4.62
CA ILE A 280 -7.02 -6.58 5.55
C ILE A 280 -6.68 -8.06 5.41
N ILE A 281 -6.44 -8.58 4.20
CA ILE A 281 -6.00 -10.00 4.03
C ILE A 281 -4.69 -10.21 4.82
N LEU A 282 -3.73 -9.32 4.61
CA LEU A 282 -2.41 -9.45 5.32
C LEU A 282 -2.58 -9.27 6.85
N TYR A 283 -3.41 -8.34 7.34
CA TYR A 283 -3.70 -8.22 8.79
C TYR A 283 -4.20 -9.58 9.30
N ASN A 284 -5.17 -10.14 8.60
CA ASN A 284 -5.81 -11.41 9.09
C ASN A 284 -4.80 -12.55 9.09
N ARG A 285 -3.89 -12.63 8.12
CA ARG A 285 -2.93 -13.75 8.00
C ARG A 285 -1.76 -13.60 8.96
N VAL A 286 -1.29 -12.36 9.19
CA VAL A 286 -0.02 -12.07 9.89
C VAL A 286 -0.24 -11.67 11.34
N GLN A 287 -1.18 -10.76 11.67
CA GLN A 287 -1.51 -10.36 13.08
C GLN A 287 -2.61 -11.28 13.64
N GLY A 288 -3.64 -11.57 12.88
CA GLY A 288 -4.63 -12.60 13.30
C GLY A 288 -4.03 -13.99 13.06
N SER A 289 -4.86 -15.02 12.98
CA SER A 289 -4.45 -16.40 12.66
C SER A 289 -3.41 -16.89 13.68
N PRO A 290 -3.77 -17.04 14.99
CA PRO A 290 -2.80 -17.44 16.01
C PRO A 290 -2.28 -18.88 15.81
N THR A 291 -1.06 -19.17 16.29
CA THR A 291 -0.37 -20.48 16.06
C THR A 291 -0.26 -21.26 17.37
N GLY A 292 -0.46 -20.63 18.53
CA GLY A 292 -0.22 -21.22 19.86
C GLY A 292 -1.48 -21.80 20.48
N ALA A 293 -1.30 -22.58 21.54
CA ALA A 293 -2.39 -23.34 22.21
C ALA A 293 -3.40 -22.41 22.90
N ALA A 294 -2.96 -21.34 23.58
CA ALA A 294 -3.86 -20.42 24.31
C ALA A 294 -4.79 -19.71 23.31
N LEU A 295 -4.23 -18.94 22.37
CA LEU A 295 -5.07 -18.10 21.46
C LEU A 295 -5.82 -18.96 20.45
N GLY A 296 -5.34 -20.19 20.17
CA GLY A 296 -5.99 -21.15 19.24
C GLY A 296 -7.09 -21.98 19.89
N SER A 297 -7.30 -21.84 21.20
CA SER A 297 -8.33 -22.61 21.95
C SER A 297 -9.71 -22.19 21.43
N PRO A 298 -10.72 -23.09 21.36
CA PRO A 298 -12.01 -22.74 20.73
C PRO A 298 -12.78 -21.53 21.29
N ALA A 299 -12.74 -21.29 22.60
CA ALA A 299 -13.45 -20.09 23.15
C ALA A 299 -12.82 -18.77 22.64
N LEU A 300 -11.48 -18.69 22.42
CA LEU A 300 -10.80 -17.48 21.88
C LEU A 300 -10.72 -17.47 20.35
N LEU A 301 -10.77 -18.61 19.66
CA LEU A 301 -10.78 -18.70 18.18
C LEU A 301 -11.98 -19.54 17.76
N PRO A 302 -13.19 -18.95 17.77
CA PRO A 302 -14.39 -19.74 17.54
C PRO A 302 -14.42 -20.36 16.14
N PRO A 303 -14.80 -21.65 15.99
CA PRO A 303 -14.86 -22.29 14.67
C PRO A 303 -15.86 -21.64 13.71
N LEU A 304 -15.48 -21.49 12.43
CA LEU A 304 -16.40 -21.14 11.32
C LEU A 304 -15.79 -20.01 10.47
N1 RYG B . -0.56 10.13 -7.59
C4 RYG B . 2.03 13.86 -6.88
C5 RYG B . 0.44 10.65 -6.89
C6 RYG B . -0.92 8.71 -7.49
C7 RYG B . 0.29 7.81 -7.81
C8 RYG B . 0.03 6.51 -8.57
C10 RYG B . -2.29 6.13 -7.53
C1 RYG B . 1.20 14.04 -7.98
C11 RYG B . -2.13 8.46 -8.38
C2 RYG B . 0.36 12.91 -8.11
C3 RYG B . 0.83 11.97 -7.12
C9 RYG B . -0.94 5.54 -7.91
N2 RYG B . -2.70 7.25 -8.36
O1 RYG B . 1.84 12.59 -6.39
O2 RYG B . 1.06 9.98 -6.06
O3 RYG B . -2.58 9.37 -9.08
S DMS C . -18.40 13.35 -2.35
O DMS C . -18.95 13.83 -1.01
C1 DMS C . -18.70 11.61 -2.33
C2 DMS C . -19.62 13.80 -3.57
S DMS D . 6.47 7.42 16.24
O DMS D . 6.20 7.99 17.65
C1 DMS D . 5.00 7.68 15.33
C2 DMS D . 7.64 8.48 15.44
S DMS E . 12.70 -12.39 -26.59
O DMS E . 13.05 -13.50 -25.60
C1 DMS E . 13.71 -11.05 -26.13
C2 DMS E . 13.56 -12.78 -28.08
S DMS F . -4.62 2.06 0.46
O DMS F . -4.65 2.31 -1.02
C1 DMS F . -3.41 0.77 0.76
C2 DMS F . -3.71 3.41 1.13
#